data_9GCR
#
_entry.id   9GCR
#
_cell.length_a   153.926
_cell.length_b   153.926
_cell.length_c   127.471
_cell.angle_alpha   90.000
_cell.angle_beta   90.000
_cell.angle_gamma   90.000
#
_symmetry.space_group_name_H-M   'I 4 2 2'
#
loop_
_entity.id
_entity.type
_entity.pdbx_description
1 polymer Cholinesterase
2 branched beta-D-mannopyranose-(1-4)-2-acetamido-2-deoxy-beta-D-glucopyranose-(1-4)-[alpha-L-fucopyranose-(1-6)]2-acetamido-2-deoxy-beta-D-glucopyranose
3 branched alpha-L-fucopyranose-(1-6)-2-acetamido-2-deoxy-beta-D-glucopyranose
4 branched 2-acetamido-2-deoxy-beta-D-glucopyranose-(1-4)-[alpha-L-fucopyranose-(1-6)]2-acetamido-2-deoxy-beta-D-glucopyranose
5 non-polymer 2-acetamido-2-deoxy-beta-D-glucopyranose
6 non-polymer GLYCEROL
7 non-polymer "N',N'-dimethyl-N-(6-naphthalen-1-yl-5-pyridin-4-yl-pyridazin-3-yl)ethane-1,2-diamine"
8 non-polymer 'SULFATE ION'
9 water water
#
_entity_poly.entity_id   1
_entity_poly.type   'polypeptide(L)'
_entity_poly.pdbx_seq_one_letter_code
;EDDIIIATKNGKVRGMQLTVFGGTVTAFLGIPYAQPPLGRLRFKKPQSLTKWSDIWNATKYANSCCQNIDQSFPGFHGSE
MWNPNTDLSEDCLYLNVWIPAPKPKNATVLIWIYGGGFQTGTSSLHVYDGKFLARVERVIVVSMNYRVGALGFLALPGNP
EAPGNMGLFDQQLALQWVQKNIAAFGGNPKSVTLFGESAGAASVSLHLLSPGSHSLFTRAILQSGSFNAPWAVTSLYEAR
NRTLNLAKLTGCSRENETEIIKCLRNKDPQEILLNEAFVVPYGTPLSVNFGPTVDGDFLTDMPDILLELGQFKKTQILVG
VNKDEGTAFLVYGAPGFSKDNNSIITRKEFQEGLKIFFPGVSEFGKESILFHYTDWVDDQRPENYREALGDVVGDYNFIC
PALEFTKKFSEWGNNAFFYYFEHRSSKLPWPEWMGVMHGYEIEFVFGLPLERRDQYTKAEEILSRSIVKRWANFAKYGNP
QETQNQSTSWPVFKSTEQKYLTLNTESTRIMTKLRAQQCRFWTSFFPKV
;
_entity_poly.pdbx_strand_id   A
#
loop_
_chem_comp.id
_chem_comp.type
_chem_comp.name
_chem_comp.formula
A1IKD non-polymer N',N'-dimethyl-N-(6-naphthalen-1-yl-5-pyridin-4-yl-pyridazin-3-yl)ethane-1,2-diamine 'C23 H23 N5'
BMA D-saccharide, beta linking beta-D-mannopyranose 'C6 H12 O6'
FUC L-saccharide, alpha linking alpha-L-fucopyranose 'C6 H12 O5'
GOL non-polymer GLYCEROL 'C3 H8 O3'
NAG D-saccharide, beta linking 2-acetamido-2-deoxy-beta-D-glucopyranose 'C8 H15 N O6'
SO4 non-polymer 'SULFATE ION' 'O4 S -2'
#
# COMPACT_ATOMS: atom_id res chain seq x y z
N ILE A 4 6.80 -30.74 10.90
CA ILE A 4 7.28 -29.36 10.83
C ILE A 4 6.56 -28.41 11.78
N ILE A 5 6.64 -28.65 13.10
CA ILE A 5 5.94 -27.82 14.08
C ILE A 5 6.92 -26.80 14.67
N ILE A 6 6.48 -25.54 14.78
CA ILE A 6 7.28 -24.47 15.36
C ILE A 6 6.63 -24.03 16.66
N ALA A 7 7.44 -23.78 17.68
CA ALA A 7 6.96 -23.28 18.95
C ALA A 7 7.10 -21.77 18.97
N THR A 8 6.01 -21.07 19.29
CA THR A 8 5.98 -19.61 19.39
C THR A 8 5.74 -19.21 20.84
N LYS A 9 5.75 -17.89 21.09
CA LYS A 9 5.50 -17.42 22.44
C LYS A 9 4.09 -17.73 22.93
N ASN A 10 3.16 -18.05 22.02
CA ASN A 10 1.78 -18.33 22.38
C ASN A 10 1.37 -19.77 22.17
N GLY A 11 2.21 -20.58 21.53
CA GLY A 11 1.89 -22.00 21.43
C GLY A 11 2.40 -22.53 20.11
N LYS A 12 2.12 -23.82 19.93
CA LYS A 12 2.67 -24.58 18.81
C LYS A 12 1.84 -24.33 17.55
N VAL A 13 2.52 -24.04 16.44
CA VAL A 13 1.86 -23.87 15.15
C VAL A 13 2.44 -24.89 14.16
N ARG A 14 1.58 -25.43 13.30
CA ARG A 14 1.99 -26.39 12.28
C ARG A 14 1.75 -25.81 10.88
N GLY A 15 2.81 -25.79 10.08
CA GLY A 15 2.75 -25.29 8.73
C GLY A 15 2.61 -26.41 7.70
N MET A 16 2.84 -26.05 6.45
CA MET A 16 2.71 -26.95 5.33
C MET A 16 3.94 -26.84 4.44
N GLN A 17 4.14 -27.86 3.61
CA GLN A 17 5.33 -28.03 2.78
C GLN A 17 4.95 -27.73 1.33
N LEU A 18 5.61 -26.76 0.72
CA LEU A 18 5.38 -26.42 -0.67
C LEU A 18 6.62 -26.73 -1.51
N THR A 19 6.40 -27.21 -2.73
CA THR A 19 7.46 -27.41 -3.70
C THR A 19 7.51 -26.20 -4.62
N VAL A 20 8.63 -25.46 -4.59
CA VAL A 20 8.87 -24.33 -5.49
C VAL A 20 10.19 -24.57 -6.21
N PHE A 21 10.17 -24.41 -7.53
CA PHE A 21 11.35 -24.44 -8.40
C PHE A 21 12.31 -25.57 -8.03
N GLY A 22 11.80 -26.80 -8.07
CA GLY A 22 12.62 -27.93 -7.69
C GLY A 22 13.27 -27.83 -6.33
N GLY A 23 12.69 -27.05 -5.40
CA GLY A 23 13.16 -26.89 -4.03
C GLY A 23 11.98 -26.91 -3.08
N THR A 24 12.11 -26.38 -1.86
CA THR A 24 11.00 -26.41 -0.90
C THR A 24 10.94 -25.12 -0.09
N VAL A 25 9.73 -24.57 0.08
CA VAL A 25 9.46 -23.47 1.00
C VAL A 25 8.45 -23.97 2.02
N THR A 26 8.61 -23.57 3.28
CA THR A 26 7.63 -23.90 4.32
C THR A 26 6.73 -22.70 4.58
N ALA A 27 5.42 -22.94 4.56
CA ALA A 27 4.43 -21.87 4.62
C ALA A 27 3.56 -22.07 5.85
N PHE A 28 3.52 -21.04 6.70
CA PHE A 28 2.54 -20.96 7.77
C PHE A 28 1.53 -19.91 7.34
N LEU A 29 0.34 -20.35 6.97
CA LEU A 29 -0.69 -19.46 6.48
C LEU A 29 -1.73 -19.27 7.59
N GLY A 30 -1.97 -18.02 7.95
CA GLY A 30 -3.06 -17.73 8.86
C GLY A 30 -2.82 -18.00 10.33
N ILE A 31 -1.78 -17.37 10.89
CA ILE A 31 -1.47 -17.44 12.32
C ILE A 31 -2.12 -16.23 13.01
N PRO A 32 -2.93 -16.43 14.06
CA PRO A 32 -3.52 -15.28 14.75
C PRO A 32 -2.46 -14.46 15.44
N TYR A 33 -2.62 -13.14 15.41
CA TYR A 33 -1.65 -12.27 16.09
C TYR A 33 -2.31 -11.32 17.08
N ALA A 34 -3.62 -11.47 17.34
CA ALA A 34 -4.38 -10.60 18.23
C ALA A 34 -5.73 -11.23 18.55
N GLN A 35 -6.29 -10.87 19.69
CA GLN A 35 -7.65 -11.31 19.99
C GLN A 35 -8.60 -10.78 18.92
N PRO A 36 -9.48 -11.62 18.38
CA PRO A 36 -10.42 -11.18 17.35
C PRO A 36 -11.16 -9.93 17.80
N PRO A 37 -11.13 -8.87 17.01
CA PRO A 37 -11.73 -7.58 17.43
C PRO A 37 -13.25 -7.59 17.32
N LEU A 38 -13.88 -8.43 18.13
CA LEU A 38 -15.31 -8.70 18.03
C LEU A 38 -16.04 -8.27 19.28
N GLY A 39 -17.34 -8.16 19.16
CA GLY A 39 -18.17 -7.92 20.32
C GLY A 39 -17.88 -6.54 20.85
N ARG A 40 -17.51 -6.47 22.12
CA ARG A 40 -17.11 -5.19 22.70
C ARG A 40 -15.72 -4.76 22.24
N LEU A 41 -15.03 -5.56 21.43
CA LEU A 41 -13.71 -5.20 20.95
C LEU A 41 -13.72 -4.50 19.60
N ARG A 42 -14.86 -4.41 18.93
CA ARG A 42 -14.92 -3.68 17.68
C ARG A 42 -14.44 -2.25 17.87
N PHE A 43 -13.70 -1.72 16.87
CA PHE A 43 -13.14 -0.36 16.86
C PHE A 43 -12.03 -0.11 17.88
N LYS A 44 -11.77 -1.06 18.76
CA LYS A 44 -10.70 -0.89 19.73
C LYS A 44 -9.35 -1.25 19.13
N LYS A 45 -8.30 -0.74 19.76
CA LYS A 45 -6.96 -1.23 19.49
C LYS A 45 -6.91 -2.74 19.73
N PRO A 46 -6.06 -3.45 18.99
CA PRO A 46 -6.09 -4.92 19.03
C PRO A 46 -5.46 -5.43 20.33
N GLN A 47 -6.22 -6.24 21.08
CA GLN A 47 -5.73 -6.77 22.34
C GLN A 47 -4.81 -7.97 22.10
N SER A 48 -3.92 -8.22 23.06
CA SER A 48 -2.94 -9.29 22.92
C SER A 48 -3.62 -10.67 22.98
N LEU A 49 -2.84 -11.71 22.74
CA LEU A 49 -3.34 -13.05 22.49
C LEU A 49 -3.00 -13.96 23.66
N THR A 50 -3.97 -14.75 24.11
CA THR A 50 -3.74 -15.68 25.20
C THR A 50 -3.13 -16.96 24.66
N LYS A 51 -2.26 -17.55 25.47
CA LYS A 51 -1.60 -18.80 25.13
C LYS A 51 -2.62 -19.89 24.81
N TRP A 52 -2.28 -20.73 23.84
CA TRP A 52 -3.06 -21.93 23.57
C TRP A 52 -2.19 -23.17 23.72
N SER A 53 -2.82 -24.25 24.19
CA SER A 53 -2.13 -25.46 24.63
C SER A 53 -2.09 -26.55 23.56
N ASP A 54 -2.52 -26.24 22.34
CA ASP A 54 -2.65 -27.20 21.27
C ASP A 54 -1.61 -26.92 20.19
N ILE A 55 -1.88 -27.38 18.96
CA ILE A 55 -1.11 -27.02 17.78
C ILE A 55 -2.05 -26.36 16.78
N TRP A 56 -1.86 -25.06 16.56
CA TRP A 56 -2.61 -24.37 15.53
C TRP A 56 -2.22 -24.89 14.16
N ASN A 57 -3.21 -25.05 13.27
CA ASN A 57 -2.95 -25.53 11.91
C ASN A 57 -2.94 -24.32 10.98
N ALA A 58 -1.74 -23.78 10.76
CA ALA A 58 -1.53 -22.63 9.89
C ALA A 58 -1.26 -23.08 8.46
N THR A 59 -2.30 -23.70 7.88
CA THR A 59 -2.15 -24.44 6.65
C THR A 59 -3.10 -23.94 5.56
N LYS A 60 -3.77 -22.81 5.81
CA LYS A 60 -4.61 -22.16 4.82
C LYS A 60 -4.79 -20.72 5.27
N TYR A 61 -4.93 -19.82 4.30
CA TYR A 61 -5.11 -18.42 4.60
C TYR A 61 -6.32 -18.21 5.52
N ALA A 62 -6.22 -17.23 6.42
CA ALA A 62 -7.34 -16.93 7.29
C ALA A 62 -8.38 -16.08 6.54
N ASN A 63 -9.39 -15.63 7.31
CA ASN A 63 -10.41 -14.72 6.82
C ASN A 63 -9.84 -13.36 6.48
N SER A 64 -10.28 -12.79 5.37
CA SER A 64 -10.01 -11.38 5.11
C SER A 64 -10.93 -10.52 5.97
N CYS A 65 -10.48 -9.31 6.28
CA CYS A 65 -11.28 -8.39 7.09
C CYS A 65 -12.47 -7.89 6.28
N CYS A 66 -13.56 -7.60 6.99
CA CYS A 66 -14.74 -7.01 6.40
C CYS A 66 -14.40 -5.83 5.50
N GLN A 67 -15.08 -5.72 4.37
CA GLN A 67 -14.76 -4.70 3.38
C GLN A 67 -15.74 -4.77 2.22
N ASN A 68 -15.83 -3.64 1.50
CA ASN A 68 -16.64 -3.57 0.30
C ASN A 68 -15.83 -3.97 -0.90
N ILE A 69 -16.52 -4.46 -1.91
CA ILE A 69 -15.86 -5.13 -3.00
C ILE A 69 -16.06 -4.32 -4.27
N ASP A 70 -14.99 -4.16 -5.02
CA ASP A 70 -15.07 -3.60 -6.37
C ASP A 70 -15.99 -4.44 -7.23
N GLN A 71 -17.23 -4.00 -7.44
CA GLN A 71 -18.15 -4.72 -8.31
C GLN A 71 -18.45 -3.95 -9.59
N SER A 72 -17.61 -2.98 -9.92
CA SER A 72 -17.78 -2.21 -11.16
C SER A 72 -17.53 -3.06 -12.41
N PHE A 73 -16.65 -4.04 -12.35
CA PHE A 73 -16.33 -4.86 -13.54
C PHE A 73 -16.47 -6.34 -13.22
N PRO A 74 -17.69 -6.85 -13.14
CA PRO A 74 -17.87 -8.25 -12.75
C PRO A 74 -17.33 -9.20 -13.81
N GLY A 75 -16.67 -10.26 -13.34
CA GLY A 75 -16.04 -11.24 -14.20
C GLY A 75 -14.72 -10.83 -14.80
N PHE A 76 -14.25 -9.61 -14.57
CA PHE A 76 -13.03 -9.12 -15.18
C PHE A 76 -11.85 -9.38 -14.26
N HIS A 77 -10.89 -10.19 -14.72
CA HIS A 77 -9.75 -10.53 -13.87
C HIS A 77 -8.99 -9.29 -13.43
N GLY A 78 -8.98 -8.25 -14.28
CA GLY A 78 -8.20 -7.06 -13.98
C GLY A 78 -8.65 -6.36 -12.71
N SER A 79 -9.96 -6.36 -12.44
CA SER A 79 -10.45 -5.78 -11.20
C SER A 79 -10.66 -6.81 -10.10
N GLU A 80 -11.01 -8.04 -10.46
CA GLU A 80 -11.32 -9.05 -9.46
C GLU A 80 -10.09 -9.71 -8.85
N MET A 81 -8.94 -9.69 -9.54
CA MET A 81 -7.66 -10.12 -8.95
C MET A 81 -7.34 -9.37 -7.67
N TRP A 82 -8.02 -8.25 -7.40
CA TRP A 82 -7.79 -7.46 -6.20
C TRP A 82 -8.83 -7.69 -5.11
N ASN A 83 -10.02 -8.24 -5.44
CA ASN A 83 -11.02 -8.45 -4.40
C ASN A 83 -10.66 -9.63 -3.51
N PRO A 84 -11.09 -9.61 -2.24
CA PRO A 84 -10.71 -10.67 -1.30
C PRO A 84 -10.97 -12.06 -1.83
N ASN A 85 -10.09 -13.00 -1.48
CA ASN A 85 -10.18 -14.38 -1.93
C ASN A 85 -10.36 -15.34 -0.77
N THR A 86 -10.81 -14.84 0.38
CA THR A 86 -11.21 -15.65 1.51
C THR A 86 -12.41 -14.99 2.14
N ASP A 87 -13.14 -15.77 2.93
CA ASP A 87 -14.24 -15.28 3.75
C ASP A 87 -13.93 -13.93 4.38
N LEU A 88 -14.89 -13.01 4.27
CA LEU A 88 -14.83 -11.81 5.09
C LEU A 88 -15.36 -12.11 6.48
N SER A 89 -14.70 -11.55 7.49
CA SER A 89 -15.12 -11.68 8.86
C SER A 89 -14.43 -10.56 9.60
N GLU A 90 -15.01 -10.17 10.73
CA GLU A 90 -14.25 -9.32 11.63
C GLU A 90 -13.13 -10.11 12.30
N ASP A 91 -13.35 -11.39 12.49
CA ASP A 91 -12.28 -12.25 12.95
C ASP A 91 -11.27 -12.40 11.83
N CYS A 92 -10.31 -11.50 11.77
CA CYS A 92 -9.45 -11.44 10.60
C CYS A 92 -8.03 -11.01 10.92
N LEU A 93 -7.63 -10.93 12.18
CA LEU A 93 -6.30 -10.46 12.55
C LEU A 93 -5.38 -11.68 12.59
N TYR A 94 -4.78 -11.98 11.44
CA TYR A 94 -3.92 -13.15 11.25
C TYR A 94 -2.74 -12.70 10.38
N LEU A 95 -1.75 -13.57 10.23
CA LEU A 95 -0.58 -13.26 9.41
C LEU A 95 0.04 -14.55 8.85
N ASN A 96 0.89 -14.39 7.84
CA ASN A 96 1.53 -15.51 7.17
C ASN A 96 3.05 -15.41 7.25
N VAL A 97 3.69 -16.59 7.30
CA VAL A 97 5.14 -16.70 7.34
C VAL A 97 5.58 -17.72 6.29
N TRP A 98 6.52 -17.33 5.44
CA TRP A 98 7.17 -18.24 4.51
C TRP A 98 8.64 -18.31 4.89
N ILE A 99 9.09 -19.51 5.26
CA ILE A 99 10.51 -19.65 5.56
C ILE A 99 11.14 -20.53 4.49
N PRO A 100 12.35 -20.21 4.04
CA PRO A 100 13.06 -21.11 3.14
C PRO A 100 13.21 -22.46 3.81
N ALA A 101 13.13 -23.52 3.01
CA ALA A 101 13.55 -24.82 3.50
C ALA A 101 14.82 -25.23 2.78
N PRO A 102 15.85 -25.69 3.49
CA PRO A 102 15.95 -25.93 4.95
C PRO A 102 15.91 -24.64 5.77
N LYS A 103 15.30 -24.72 6.96
CA LYS A 103 15.16 -23.66 7.96
C LYS A 103 16.40 -22.77 7.95
N PRO A 104 16.22 -21.47 7.82
CA PRO A 104 17.36 -20.57 7.76
C PRO A 104 17.96 -20.45 9.15
N LYS A 105 19.05 -19.70 9.23
CA LYS A 105 19.68 -19.47 10.52
C LYS A 105 19.44 -18.06 11.04
N ASN A 106 19.63 -17.02 10.23
CA ASN A 106 19.49 -15.65 10.72
C ASN A 106 18.98 -14.78 9.56
N ALA A 107 17.91 -15.23 8.92
CA ALA A 107 17.45 -14.70 7.64
C ALA A 107 16.86 -13.30 7.75
N THR A 108 17.18 -12.45 6.78
CA THR A 108 16.50 -11.16 6.67
C THR A 108 15.00 -11.37 6.49
N VAL A 109 14.20 -10.62 7.22
CA VAL A 109 12.74 -10.73 7.12
C VAL A 109 12.17 -9.57 6.32
N LEU A 110 11.31 -9.89 5.35
N LEU A 110 11.32 -9.89 5.36
CA LEU A 110 10.55 -8.89 4.61
CA LEU A 110 10.53 -8.91 4.61
C LEU A 110 9.09 -8.95 5.05
C LEU A 110 9.09 -8.97 5.09
N ILE A 111 8.55 -7.82 5.49
CA ILE A 111 7.19 -7.74 6.01
C ILE A 111 6.34 -6.92 5.06
N TRP A 112 5.30 -7.55 4.52
CA TRP A 112 4.48 -6.98 3.46
C TRP A 112 3.16 -6.43 4.01
N ILE A 113 2.88 -5.17 3.67
CA ILE A 113 1.64 -4.49 4.06
C ILE A 113 0.91 -4.10 2.78
N TYR A 114 -0.28 -4.65 2.59
CA TYR A 114 -1.02 -4.42 1.33
C TYR A 114 -1.69 -3.05 1.30
N GLY A 115 -2.00 -2.61 0.08
CA GLY A 115 -2.78 -1.40 -0.11
C GLY A 115 -4.23 -1.72 -0.47
N GLY A 116 -4.92 -0.69 -0.92
CA GLY A 116 -6.34 -0.82 -1.13
C GLY A 116 -7.05 0.36 -0.52
N GLY A 117 -6.39 1.52 -0.57
CA GLY A 117 -6.99 2.76 -0.12
C GLY A 117 -7.47 2.77 1.31
N PHE A 118 -6.88 1.95 2.18
CA PHE A 118 -7.27 1.80 3.59
C PHE A 118 -8.69 1.31 3.76
N GLN A 119 -9.34 0.90 2.68
CA GLN A 119 -10.69 0.34 2.71
C GLN A 119 -10.72 -1.13 2.33
N THR A 120 -9.82 -1.57 1.45
CA THR A 120 -9.86 -2.90 0.89
C THR A 120 -8.48 -3.53 1.02
N GLY A 121 -8.39 -4.82 0.66
CA GLY A 121 -7.12 -5.52 0.68
C GLY A 121 -7.08 -6.73 1.57
N THR A 122 -6.22 -7.68 1.23
CA THR A 122 -5.98 -8.86 2.04
C THR A 122 -4.62 -9.43 1.64
N SER A 123 -3.96 -10.07 2.60
CA SER A 123 -2.67 -10.68 2.33
C SER A 123 -2.78 -11.97 1.53
N SER A 124 -3.95 -12.60 1.51
CA SER A 124 -4.09 -13.89 0.85
C SER A 124 -4.05 -13.77 -0.67
N LEU A 125 -3.88 -12.58 -1.24
CA LEU A 125 -3.94 -12.41 -2.69
C LEU A 125 -2.79 -13.12 -3.40
N HIS A 126 -3.07 -13.57 -4.62
CA HIS A 126 -2.13 -14.36 -5.40
C HIS A 126 -0.83 -13.60 -5.63
N VAL A 127 -0.92 -12.31 -5.92
CA VAL A 127 0.28 -11.54 -6.24
C VAL A 127 0.98 -11.06 -4.98
N TYR A 128 0.56 -11.55 -3.81
CA TYR A 128 1.29 -11.30 -2.56
C TYR A 128 1.89 -12.58 -2.01
N ASP A 129 1.91 -13.64 -2.82
CA ASP A 129 2.45 -14.93 -2.42
C ASP A 129 3.97 -14.82 -2.19
N GLY A 130 4.40 -15.06 -0.96
CA GLY A 130 5.80 -14.85 -0.66
C GLY A 130 6.66 -16.08 -0.70
N LYS A 131 6.16 -17.18 -1.22
CA LYS A 131 6.95 -18.39 -1.34
C LYS A 131 8.03 -18.26 -2.41
N PHE A 132 7.86 -17.36 -3.37
CA PHE A 132 8.91 -17.20 -4.36
C PHE A 132 10.13 -16.54 -3.74
N LEU A 133 9.94 -15.40 -3.05
CA LEU A 133 11.06 -14.71 -2.41
C LEU A 133 11.72 -15.59 -1.35
N ALA A 134 10.91 -16.35 -0.61
CA ALA A 134 11.47 -17.35 0.31
C ALA A 134 12.40 -18.31 -0.43
N ARG A 135 11.93 -18.83 -1.58
CA ARG A 135 12.69 -19.82 -2.33
C ARG A 135 13.94 -19.21 -2.97
N VAL A 136 13.76 -18.11 -3.72
CA VAL A 136 14.84 -17.62 -4.59
C VAL A 136 15.88 -16.83 -3.80
N GLU A 137 15.46 -15.97 -2.86
CA GLU A 137 16.40 -15.11 -2.15
C GLU A 137 16.69 -15.55 -0.73
N ARG A 138 16.05 -16.60 -0.23
CA ARG A 138 16.38 -17.12 1.10
C ARG A 138 16.04 -16.12 2.21
N VAL A 139 14.97 -15.38 2.03
CA VAL A 139 14.45 -14.49 3.06
C VAL A 139 13.18 -15.10 3.63
N ILE A 140 12.76 -14.58 4.77
CA ILE A 140 11.49 -14.90 5.37
C ILE A 140 10.53 -13.78 5.03
N VAL A 141 9.36 -14.13 4.51
CA VAL A 141 8.35 -13.15 4.10
C VAL A 141 7.18 -13.26 5.07
N VAL A 142 6.85 -12.14 5.70
CA VAL A 142 5.66 -12.04 6.50
C VAL A 142 4.71 -11.06 5.81
N SER A 143 3.41 -11.36 5.92
CA SER A 143 2.33 -10.45 5.59
C SER A 143 1.19 -10.65 6.59
N MET A 144 0.54 -9.56 6.98
CA MET A 144 -0.56 -9.59 7.92
C MET A 144 -1.84 -9.06 7.28
N ASN A 145 -2.98 -9.51 7.81
CA ASN A 145 -4.27 -8.84 7.60
C ASN A 145 -4.43 -7.77 8.67
N TYR A 146 -4.97 -6.62 8.27
CA TYR A 146 -5.25 -5.56 9.21
C TYR A 146 -6.58 -4.95 8.83
N ARG A 147 -7.27 -4.44 9.84
CA ARG A 147 -8.61 -3.89 9.64
C ARG A 147 -8.56 -2.69 8.70
N VAL A 148 -9.59 -2.58 7.87
CA VAL A 148 -9.71 -1.56 6.85
C VAL A 148 -11.10 -0.93 6.95
N GLY A 149 -11.24 0.25 6.32
CA GLY A 149 -12.47 0.98 6.36
C GLY A 149 -12.82 1.41 7.78
N ALA A 150 -14.10 1.70 7.98
CA ALA A 150 -14.55 2.17 9.29
C ALA A 150 -14.24 1.16 10.39
N LEU A 151 -14.30 -0.15 10.12
CA LEU A 151 -13.99 -1.13 11.16
C LEU A 151 -12.57 -0.95 11.69
N GLY A 152 -11.66 -0.44 10.86
CA GLY A 152 -10.28 -0.29 11.26
C GLY A 152 -9.78 1.14 11.40
N PHE A 153 -10.55 2.13 10.96
CA PHE A 153 -10.05 3.50 11.01
C PHE A 153 -11.07 4.53 11.47
N LEU A 154 -12.23 4.11 11.98
CA LEU A 154 -13.20 5.06 12.48
C LEU A 154 -12.62 5.81 13.66
N ALA A 155 -12.88 7.11 13.74
CA ALA A 155 -12.14 7.99 14.65
C ALA A 155 -13.08 8.87 15.47
N LEU A 156 -13.15 8.60 16.74
CA LEU A 156 -13.65 9.59 17.67
C LEU A 156 -12.47 10.10 18.48
N PRO A 157 -11.74 11.11 17.99
CA PRO A 157 -10.49 11.52 18.64
C PRO A 157 -10.61 11.63 20.15
N GLY A 158 -9.75 10.89 20.86
CA GLY A 158 -9.77 10.86 22.30
C GLY A 158 -10.35 9.58 22.87
N ASN A 159 -11.57 9.23 22.46
CA ASN A 159 -12.30 8.10 23.00
C ASN A 159 -11.55 6.80 22.67
N PRO A 160 -11.14 6.01 23.68
CA PRO A 160 -10.49 4.72 23.38
C PRO A 160 -11.43 3.70 22.75
N GLU A 161 -12.75 3.91 22.85
CA GLU A 161 -13.74 3.03 22.24
C GLU A 161 -13.74 3.13 20.72
N ALA A 162 -13.13 4.18 20.16
CA ALA A 162 -13.00 4.41 18.74
C ALA A 162 -11.91 5.45 18.51
N PRO A 163 -10.65 5.15 18.90
CA PRO A 163 -9.62 6.20 18.90
C PRO A 163 -9.08 6.52 17.53
N GLY A 164 -9.33 5.69 16.53
CA GLY A 164 -8.74 5.89 15.23
C GLY A 164 -7.42 5.16 15.11
N ASN A 165 -7.03 4.93 13.87
CA ASN A 165 -5.78 4.25 13.50
C ASN A 165 -5.68 2.80 13.99
N MET A 166 -6.81 2.12 14.22
CA MET A 166 -6.77 0.73 14.67
C MET A 166 -6.06 -0.18 13.66
N GLY A 167 -6.40 -0.05 12.38
CA GLY A 167 -5.72 -0.85 11.36
C GLY A 167 -4.21 -0.65 11.36
N LEU A 168 -3.75 0.57 11.64
CA LEU A 168 -2.31 0.80 11.78
C LEU A 168 -1.77 0.09 13.03
N PHE A 169 -2.53 0.10 14.13
CA PHE A 169 -2.09 -0.63 15.31
C PHE A 169 -2.14 -2.15 15.11
N ASP A 170 -3.08 -2.66 14.30
CA ASP A 170 -3.04 -4.05 13.89
C ASP A 170 -1.67 -4.39 13.29
N GLN A 171 -1.28 -3.66 12.24
CA GLN A 171 0.03 -3.84 11.64
C GLN A 171 1.12 -3.80 12.70
N GLN A 172 1.07 -2.83 13.59
CA GLN A 172 2.16 -2.66 14.54
C GLN A 172 2.21 -3.81 15.53
N LEU A 173 1.07 -4.41 15.83
CA LEU A 173 1.08 -5.59 16.67
C LEU A 173 1.60 -6.78 15.89
N ALA A 174 1.47 -6.75 14.55
CA ALA A 174 2.10 -7.80 13.76
C ALA A 174 3.63 -7.68 13.76
N LEU A 175 4.18 -6.46 13.61
CA LEU A 175 5.63 -6.30 13.67
C LEU A 175 6.18 -6.75 15.02
N GLN A 176 5.49 -6.42 16.09
CA GLN A 176 5.70 -6.97 17.42
C GLN A 176 5.85 -8.49 17.39
N TRP A 177 4.84 -9.17 16.83
CA TRP A 177 4.84 -10.63 16.81
C TRP A 177 6.10 -11.16 16.15
N VAL A 178 6.44 -10.64 14.97
CA VAL A 178 7.69 -10.96 14.32
C VAL A 178 8.87 -10.72 15.26
N GLN A 179 8.82 -9.63 16.04
CA GLN A 179 9.94 -9.34 16.93
C GLN A 179 10.06 -10.38 18.04
N LYS A 180 8.94 -10.83 18.61
CA LYS A 180 8.98 -11.84 19.67
C LYS A 180 9.15 -13.25 19.13
N ASN A 181 8.73 -13.51 17.89
CA ASN A 181 8.57 -14.89 17.42
C ASN A 181 9.39 -15.28 16.19
N ILE A 182 9.73 -14.35 15.29
CA ILE A 182 10.38 -14.77 14.04
C ILE A 182 11.70 -15.49 14.30
N ALA A 183 12.38 -15.19 15.41
CA ALA A 183 13.64 -15.86 15.69
C ALA A 183 13.47 -17.36 15.80
N ALA A 184 12.27 -17.84 16.14
CA ALA A 184 12.04 -19.27 16.22
C ALA A 184 11.79 -19.91 14.86
N PHE A 185 11.54 -19.11 13.83
CA PHE A 185 11.39 -19.59 12.46
C PHE A 185 12.70 -19.53 11.68
N GLY A 186 13.78 -19.09 12.30
CA GLY A 186 15.03 -18.89 11.61
C GLY A 186 15.31 -17.46 11.19
N GLY A 187 14.40 -16.52 11.50
CA GLY A 187 14.57 -15.15 11.08
C GLY A 187 15.32 -14.30 12.05
N ASN A 188 15.83 -13.19 11.55
CA ASN A 188 16.62 -12.25 12.33
C ASN A 188 15.79 -10.99 12.60
N PRO A 189 15.31 -10.79 13.83
CA PRO A 189 14.49 -9.61 14.12
C PRO A 189 15.24 -8.31 14.05
N LYS A 190 16.57 -8.35 14.04
CA LYS A 190 17.35 -7.15 13.83
C LYS A 190 17.57 -6.83 12.35
N SER A 191 16.96 -7.63 11.43
CA SER A 191 17.03 -7.36 9.98
C SER A 191 15.65 -7.59 9.40
N VAL A 192 14.81 -6.57 9.53
CA VAL A 192 13.42 -6.60 9.10
C VAL A 192 13.20 -5.42 8.18
N THR A 193 12.74 -5.67 6.97
CA THR A 193 12.42 -4.60 6.03
C THR A 193 10.93 -4.61 5.81
N LEU A 194 10.26 -3.51 6.19
CA LEU A 194 8.86 -3.34 5.81
C LEU A 194 8.79 -3.00 4.34
N PHE A 195 7.82 -3.57 3.64
CA PHE A 195 7.51 -3.09 2.30
C PHE A 195 6.02 -3.25 2.05
N GLY A 196 5.47 -2.34 1.26
CA GLY A 196 4.05 -2.31 0.95
C GLY A 196 3.85 -1.43 -0.26
N GLU A 197 2.61 -1.41 -0.75
CA GLU A 197 2.24 -0.65 -1.94
C GLU A 197 0.94 0.11 -1.69
N SER A 198 0.84 1.30 -2.31
CA SER A 198 -0.34 2.20 -2.23
C SER A 198 -0.60 2.54 -0.77
N ALA A 199 -1.78 2.22 -0.21
CA ALA A 199 -2.01 2.47 1.21
C ALA A 199 -1.03 1.69 2.07
N GLY A 200 -0.56 0.54 1.59
CA GLY A 200 0.48 -0.18 2.30
C GLY A 200 1.76 0.62 2.38
N ALA A 201 2.15 1.25 1.27
CA ALA A 201 3.33 2.10 1.28
C ALA A 201 3.11 3.36 2.13
N ALA A 202 1.93 3.98 2.04
CA ALA A 202 1.56 5.01 3.00
C ALA A 202 1.67 4.48 4.42
N SER A 203 1.14 3.27 4.67
CA SER A 203 1.29 2.66 5.98
C SER A 203 2.76 2.54 6.38
N VAL A 204 3.62 2.11 5.45
CA VAL A 204 5.02 1.95 5.79
C VAL A 204 5.63 3.29 6.17
N SER A 205 5.37 4.33 5.38
CA SER A 205 5.89 5.66 5.70
C SER A 205 5.40 6.18 7.04
N LEU A 206 4.25 5.71 7.51
CA LEU A 206 3.76 6.16 8.81
C LEU A 206 4.45 5.46 9.97
N HIS A 207 4.86 4.20 9.78
CA HIS A 207 5.67 3.51 10.78
C HIS A 207 7.05 4.14 10.92
N LEU A 208 7.55 4.75 9.84
CA LEU A 208 8.73 5.60 9.94
C LEU A 208 8.52 6.75 10.91
N LEU A 209 7.29 7.23 11.07
CA LEU A 209 7.04 8.36 11.94
C LEU A 209 6.61 7.95 13.34
N SER A 210 5.84 6.88 13.44
CA SER A 210 5.27 6.47 14.71
C SER A 210 6.36 5.95 15.64
N PRO A 211 6.61 6.62 16.76
CA PRO A 211 7.71 6.21 17.65
C PRO A 211 7.58 4.78 18.16
N GLY A 212 6.37 4.28 18.35
CA GLY A 212 6.18 2.91 18.78
C GLY A 212 6.44 1.86 17.74
N SER A 213 6.79 2.23 16.51
CA SER A 213 7.27 1.25 15.53
C SER A 213 8.76 1.39 15.25
N HIS A 214 9.44 2.38 15.85
N HIS A 214 9.45 2.33 15.88
CA HIS A 214 10.87 2.60 15.58
CA HIS A 214 10.85 2.61 15.53
C HIS A 214 11.68 1.34 15.76
C HIS A 214 11.76 1.43 15.84
N SER A 215 11.42 0.62 16.85
CA SER A 215 12.22 -0.53 17.23
C SER A 215 11.73 -1.84 16.62
N LEU A 216 10.76 -1.79 15.69
CA LEU A 216 10.11 -2.98 15.16
C LEU A 216 10.55 -3.34 13.76
N PHE A 217 11.37 -2.52 13.10
CA PHE A 217 11.84 -2.83 11.75
C PHE A 217 13.14 -2.09 11.48
N THR A 218 13.92 -2.59 10.51
CA THR A 218 15.20 -1.97 10.16
C THR A 218 15.09 -0.91 9.06
N ARG A 219 14.47 -1.28 7.93
CA ARG A 219 14.44 -0.50 6.70
C ARG A 219 13.05 -0.58 6.12
N ALA A 220 12.86 0.13 5.01
CA ALA A 220 11.53 0.32 4.46
C ALA A 220 11.58 0.50 2.96
N ILE A 221 10.63 -0.12 2.28
CA ILE A 221 10.44 -0.03 0.84
C ILE A 221 9.04 0.50 0.62
N LEU A 222 8.93 1.60 -0.13
CA LEU A 222 7.64 2.26 -0.40
C LEU A 222 7.33 2.19 -1.88
N GLN A 223 6.31 1.40 -2.24
CA GLN A 223 5.92 1.24 -3.66
C GLN A 223 4.65 2.00 -3.94
N SER A 224 4.75 3.10 -4.71
CA SER A 224 3.59 3.85 -5.17
C SER A 224 2.68 4.27 -4.01
N GLY A 225 3.27 4.99 -3.05
CA GLY A 225 2.48 5.43 -1.90
C GLY A 225 3.34 6.06 -0.83
N SER A 226 2.83 7.10 -0.17
CA SER A 226 3.47 7.69 0.99
C SER A 226 2.44 8.49 1.76
N PHE A 227 2.67 8.63 3.08
CA PHE A 227 1.69 9.26 3.96
C PHE A 227 1.35 10.68 3.53
N ASN A 228 2.24 11.35 2.80
CA ASN A 228 2.03 12.73 2.40
C ASN A 228 1.24 12.85 1.11
N ALA A 229 0.71 11.72 0.57
CA ALA A 229 -0.16 11.77 -0.60
C ALA A 229 -1.54 12.28 -0.18
N PRO A 230 -2.24 13.00 -1.07
CA PRO A 230 -3.48 13.69 -0.63
C PRO A 230 -4.56 12.78 -0.04
N TRP A 231 -4.63 11.51 -0.46
CA TRP A 231 -5.62 10.58 0.04
C TRP A 231 -5.26 9.91 1.36
N ALA A 232 -4.02 10.06 1.85
CA ALA A 232 -3.47 9.14 2.85
C ALA A 232 -3.85 9.50 4.29
N VAL A 233 -4.02 10.78 4.62
CA VAL A 233 -4.37 11.17 5.97
C VAL A 233 -5.71 11.90 5.97
N THR A 234 -6.65 11.44 6.79
CA THR A 234 -7.92 12.12 7.03
C THR A 234 -7.77 13.09 8.20
N SER A 235 -8.32 14.30 8.05
CA SER A 235 -8.19 15.27 9.13
C SER A 235 -9.08 14.90 10.30
N LEU A 236 -8.81 15.52 11.45
CA LEU A 236 -9.68 15.34 12.61
C LEU A 236 -11.04 15.98 12.38
N TYR A 237 -11.08 17.12 11.70
CA TYR A 237 -12.35 17.66 11.22
C TYR A 237 -13.15 16.59 10.48
N GLU A 238 -12.65 16.15 9.31
CA GLU A 238 -13.40 15.22 8.48
C GLU A 238 -13.67 13.91 9.21
N ALA A 239 -12.70 13.42 9.99
CA ALA A 239 -12.91 12.15 10.68
C ALA A 239 -14.08 12.23 11.63
N ARG A 240 -14.30 13.38 12.27
CA ARG A 240 -15.51 13.56 13.06
C ARG A 240 -16.75 13.58 12.17
N ASN A 241 -16.80 14.49 11.18
CA ASN A 241 -17.99 14.63 10.35
C ASN A 241 -18.33 13.29 9.69
N ARG A 242 -17.31 12.50 9.35
CA ARG A 242 -17.55 11.18 8.75
C ARG A 242 -18.07 10.18 9.80
N THR A 243 -17.48 10.18 10.99
CA THR A 243 -17.99 9.35 12.08
C THR A 243 -19.44 9.71 12.40
N LEU A 244 -19.73 11.00 12.59
CA LEU A 244 -21.09 11.42 12.90
C LEU A 244 -22.08 11.01 11.81
N ASN A 245 -21.69 11.18 10.55
CA ASN A 245 -22.60 10.87 9.46
C ASN A 245 -22.87 9.38 9.36
N LEU A 246 -21.87 8.55 9.66
CA LEU A 246 -22.13 7.14 9.84
C LEU A 246 -23.17 6.90 10.92
N ALA A 247 -23.13 7.70 12.00
CA ALA A 247 -24.08 7.52 13.08
C ALA A 247 -25.48 7.93 12.67
N LYS A 248 -25.61 9.10 12.03
CA LYS A 248 -26.91 9.52 11.53
C LYS A 248 -27.46 8.50 10.54
N LEU A 249 -26.60 7.95 9.69
CA LEU A 249 -27.02 6.97 8.68
C LEU A 249 -27.45 5.64 9.28
N THR A 250 -27.01 5.32 10.49
CA THR A 250 -27.44 4.09 11.14
C THR A 250 -28.40 4.36 12.28
N GLY A 251 -28.95 5.56 12.38
CA GLY A 251 -29.75 5.91 13.53
C GLY A 251 -29.01 5.85 14.85
N CYS A 252 -27.67 5.81 14.84
CA CYS A 252 -26.86 5.71 16.05
C CYS A 252 -26.45 7.08 16.58
N SER A 253 -27.11 8.13 16.16
CA SER A 253 -26.75 9.44 16.67
C SER A 253 -27.25 9.57 18.11
N ARG A 254 -26.29 9.67 19.03
CA ARG A 254 -26.53 10.00 20.42
C ARG A 254 -25.75 11.27 20.76
N GLU A 255 -25.83 11.69 22.03
CA GLU A 255 -25.02 12.81 22.49
C GLU A 255 -23.79 12.37 23.28
N ASN A 256 -23.93 11.43 24.22
CA ASN A 256 -22.78 10.79 24.86
C ASN A 256 -21.97 10.12 23.76
N GLU A 257 -20.81 10.68 23.42
CA GLU A 257 -20.01 10.11 22.34
C GLU A 257 -19.76 8.63 22.54
N THR A 258 -19.66 8.19 23.80
CA THR A 258 -19.44 6.78 24.08
C THR A 258 -20.64 5.94 23.64
N GLU A 259 -21.87 6.43 23.87
CA GLU A 259 -23.04 5.64 23.52
C GLU A 259 -23.20 5.46 22.02
N ILE A 260 -22.67 6.39 21.23
CA ILE A 260 -22.72 6.23 19.78
C ILE A 260 -21.93 5.01 19.36
N ILE A 261 -20.75 4.83 19.96
CA ILE A 261 -19.91 3.71 19.59
C ILE A 261 -20.55 2.41 20.04
N LYS A 262 -21.10 2.38 21.26
CA LYS A 262 -21.82 1.19 21.70
C LYS A 262 -22.96 0.86 20.74
N CYS A 263 -23.58 1.88 20.13
CA CYS A 263 -24.65 1.66 19.18
C CYS A 263 -24.12 1.02 17.90
N LEU A 264 -23.04 1.58 17.34
CA LEU A 264 -22.44 0.99 16.15
C LEU A 264 -21.86 -0.39 16.40
N ARG A 265 -21.63 -0.76 17.67
CA ARG A 265 -21.10 -2.08 17.94
C ARG A 265 -22.17 -3.16 17.86
N ASN A 266 -23.40 -2.84 18.21
CA ASN A 266 -24.48 -3.80 18.10
C ASN A 266 -25.15 -3.77 16.74
N LYS A 267 -24.44 -3.31 15.71
CA LYS A 267 -24.90 -3.35 14.34
C LYS A 267 -24.16 -4.43 13.56
N ASP A 268 -24.86 -5.04 12.61
CA ASP A 268 -24.26 -6.09 11.81
C ASP A 268 -23.14 -5.51 10.94
N PRO A 269 -22.02 -6.21 10.80
CA PRO A 269 -20.92 -5.67 10.00
C PRO A 269 -21.34 -5.14 8.64
N GLN A 270 -22.40 -5.68 8.03
CA GLN A 270 -22.74 -5.24 6.68
C GLN A 270 -23.37 -3.85 6.70
N GLU A 271 -24.34 -3.62 7.60
CA GLU A 271 -24.95 -2.30 7.68
C GLU A 271 -23.90 -1.20 7.79
N ILE A 272 -22.76 -1.51 8.40
CA ILE A 272 -21.69 -0.54 8.52
C ILE A 272 -20.98 -0.36 7.19
N LEU A 273 -20.76 -1.45 6.46
CA LEU A 273 -20.07 -1.35 5.18
C LEU A 273 -20.83 -0.48 4.17
N LEU A 274 -22.17 -0.65 4.07
CA LEU A 274 -22.89 0.08 3.03
C LEU A 274 -22.96 1.56 3.30
N ASN A 275 -22.92 1.97 4.56
CA ASN A 275 -23.04 3.38 4.88
C ASN A 275 -21.70 4.11 4.78
N GLU A 276 -20.59 3.39 4.66
CA GLU A 276 -19.30 4.05 4.52
C GLU A 276 -19.21 4.85 3.22
N ALA A 277 -19.99 4.48 2.20
CA ALA A 277 -19.88 5.14 0.91
C ALA A 277 -20.26 6.62 1.00
N PHE A 278 -21.27 6.92 1.82
CA PHE A 278 -21.95 8.20 1.80
C PHE A 278 -21.51 9.17 2.89
N VAL A 279 -20.52 8.81 3.71
CA VAL A 279 -20.14 9.71 4.81
C VAL A 279 -19.46 10.99 4.30
N VAL A 280 -18.89 10.98 3.11
CA VAL A 280 -18.34 12.17 2.48
C VAL A 280 -19.28 12.56 1.35
N PRO A 281 -19.73 13.82 1.27
CA PRO A 281 -20.89 14.13 0.39
C PRO A 281 -20.57 14.00 -1.08
N TYR A 282 -19.31 14.18 -1.44
CA TYR A 282 -18.84 13.99 -2.80
C TYR A 282 -17.58 13.16 -2.69
N GLY A 283 -17.59 12.00 -3.34
CA GLY A 283 -16.42 11.16 -3.37
C GLY A 283 -15.72 11.20 -4.71
N THR A 284 -14.48 10.72 -4.71
CA THR A 284 -13.74 10.54 -5.95
C THR A 284 -13.39 9.05 -6.04
N PRO A 285 -12.89 8.55 -7.18
CA PRO A 285 -12.43 7.16 -7.21
C PRO A 285 -11.35 6.87 -6.17
N LEU A 286 -10.61 7.89 -5.74
CA LEU A 286 -9.58 7.74 -4.72
C LEU A 286 -10.05 8.21 -3.35
N SER A 287 -11.35 8.11 -3.06
CA SER A 287 -11.83 8.55 -1.75
C SER A 287 -11.45 7.52 -0.71
N VAL A 288 -10.67 7.98 0.27
CA VAL A 288 -10.29 7.18 1.43
C VAL A 288 -11.27 7.58 2.53
N ASN A 289 -12.39 6.88 2.61
CA ASN A 289 -13.48 7.31 3.48
C ASN A 289 -13.10 7.29 4.94
N PHE A 290 -12.48 6.19 5.39
CA PHE A 290 -12.00 6.04 6.77
C PHE A 290 -10.52 5.67 6.72
N GLY A 291 -9.65 6.64 7.01
CA GLY A 291 -8.23 6.43 6.88
C GLY A 291 -7.45 6.82 8.12
N PRO A 292 -6.13 6.81 8.00
CA PRO A 292 -5.29 7.21 9.14
C PRO A 292 -5.61 8.64 9.54
N THR A 293 -5.76 8.87 10.84
CA THR A 293 -5.93 10.22 11.38
C THR A 293 -4.78 10.52 12.33
N VAL A 294 -4.62 11.81 12.62
CA VAL A 294 -3.69 12.25 13.65
C VAL A 294 -4.32 11.92 15.00
N ASP A 295 -3.97 10.77 15.55
CA ASP A 295 -4.67 10.26 16.72
C ASP A 295 -4.00 10.59 18.05
N GLY A 296 -2.70 10.87 18.07
CA GLY A 296 -2.04 11.15 19.33
C GLY A 296 -1.59 9.92 20.07
N ASP A 297 -1.75 8.75 19.46
CA ASP A 297 -1.21 7.51 19.97
C ASP A 297 -0.22 6.95 18.96
N PHE A 298 -0.70 6.56 17.78
CA PHE A 298 0.19 6.14 16.72
C PHE A 298 0.90 7.34 16.09
N LEU A 299 0.12 8.32 15.65
CA LEU A 299 0.65 9.50 14.99
C LEU A 299 0.56 10.65 15.95
N THR A 300 1.70 11.20 16.33
CA THR A 300 1.73 12.16 17.42
C THR A 300 1.56 13.59 16.96
N ASP A 301 1.43 13.83 15.66
CA ASP A 301 1.39 15.17 15.09
C ASP A 301 1.08 15.05 13.62
N MET A 302 0.77 16.18 13.00
CA MET A 302 0.56 16.20 11.56
C MET A 302 1.80 15.69 10.85
N PRO A 303 1.69 14.65 10.04
CA PRO A 303 2.89 14.00 9.50
C PRO A 303 3.72 14.92 8.60
N ASP A 304 3.08 15.82 7.85
CA ASP A 304 3.84 16.77 7.06
C ASP A 304 4.81 17.57 7.92
N ILE A 305 4.36 18.00 9.10
CA ILE A 305 5.26 18.68 10.03
C ILE A 305 6.32 17.73 10.56
N LEU A 306 5.95 16.49 10.89
CA LEU A 306 6.94 15.54 11.36
C LEU A 306 8.02 15.32 10.30
N LEU A 307 7.60 15.15 9.04
CA LEU A 307 8.55 14.95 7.95
C LEU A 307 9.41 16.19 7.76
N GLU A 308 8.77 17.35 7.67
CA GLU A 308 9.50 18.60 7.43
C GLU A 308 10.57 18.85 8.48
N LEU A 309 10.32 18.45 9.73
CA LEU A 309 11.23 18.76 10.83
C LEU A 309 12.09 17.56 11.24
N GLY A 310 12.19 16.53 10.40
CA GLY A 310 13.13 15.44 10.63
C GLY A 310 12.79 14.46 11.73
N GLN A 311 11.51 14.27 12.03
CA GLN A 311 11.07 13.44 13.17
C GLN A 311 10.56 12.10 12.68
N PHE A 312 11.50 11.31 12.18
CA PHE A 312 11.25 9.98 11.68
C PHE A 312 12.45 9.09 11.99
N LYS A 313 12.21 7.79 11.87
CA LYS A 313 13.26 6.80 11.98
C LYS A 313 14.37 7.07 10.96
N LYS A 314 15.61 7.14 11.42
CA LYS A 314 16.75 7.33 10.52
C LYS A 314 17.25 5.97 10.04
N THR A 315 17.10 5.68 8.75
CA THR A 315 17.37 4.38 8.14
C THR A 315 17.34 4.59 6.62
N GLN A 316 17.50 3.51 5.84
CA GLN A 316 17.46 3.61 4.38
C GLN A 316 16.05 3.38 3.88
N ILE A 317 15.71 4.02 2.75
CA ILE A 317 14.41 3.80 2.11
C ILE A 317 14.57 3.42 0.65
N LEU A 318 13.62 2.63 0.17
CA LEU A 318 13.50 2.28 -1.23
C LEU A 318 12.13 2.78 -1.69
N VAL A 319 12.12 3.71 -2.63
CA VAL A 319 10.92 4.46 -2.98
C VAL A 319 10.76 4.45 -4.49
N GLY A 320 9.51 4.41 -4.95
CA GLY A 320 9.30 4.36 -6.39
C GLY A 320 7.84 4.38 -6.77
N VAL A 321 7.63 4.48 -8.09
CA VAL A 321 6.32 4.76 -8.67
C VAL A 321 6.31 4.18 -10.06
N ASN A 322 5.11 4.05 -10.62
CA ASN A 322 4.94 3.48 -11.94
C ASN A 322 4.59 4.57 -12.92
N LYS A 323 4.85 4.31 -14.19
CA LYS A 323 4.78 5.34 -15.22
C LYS A 323 3.37 5.89 -15.33
N ASP A 324 2.36 5.01 -15.28
CA ASP A 324 0.97 5.42 -15.42
C ASP A 324 0.19 5.09 -14.16
N GLU A 325 0.55 5.72 -13.04
CA GLU A 325 -0.15 5.50 -11.78
C GLU A 325 -1.65 5.79 -11.88
N GLY A 326 -2.02 6.83 -12.63
CA GLY A 326 -3.37 7.36 -12.54
C GLY A 326 -4.45 6.77 -13.44
N THR A 327 -4.08 5.95 -14.41
CA THR A 327 -5.04 5.55 -15.44
C THR A 327 -6.15 4.67 -14.89
N ALA A 328 -5.79 3.73 -14.00
CA ALA A 328 -6.72 2.84 -13.29
C ALA A 328 -7.99 3.54 -12.81
N PHE A 329 -7.82 4.73 -12.25
CA PHE A 329 -8.94 5.45 -11.67
C PHE A 329 -9.81 6.13 -12.72
N LEU A 330 -9.27 6.35 -13.92
CA LEU A 330 -10.05 7.07 -14.93
C LEU A 330 -11.28 6.29 -15.37
N VAL A 331 -11.25 4.95 -15.33
CA VAL A 331 -12.41 4.19 -15.77
C VAL A 331 -13.42 3.97 -14.65
N TYR A 332 -13.17 4.50 -13.46
CA TYR A 332 -14.10 4.40 -12.35
C TYR A 332 -14.87 5.70 -12.17
N GLY A 333 -15.24 6.38 -13.26
CA GLY A 333 -16.02 7.61 -13.12
C GLY A 333 -15.79 8.70 -14.16
N ALA A 334 -14.56 8.84 -14.64
CA ALA A 334 -14.24 9.91 -15.59
C ALA A 334 -15.06 9.77 -16.86
N PRO A 335 -15.78 10.81 -17.28
CA PRO A 335 -16.64 10.70 -18.45
C PRO A 335 -15.83 10.48 -19.72
N GLY A 336 -16.37 9.65 -20.62
CA GLY A 336 -15.72 9.34 -21.87
C GLY A 336 -14.75 8.17 -21.82
N PHE A 337 -14.38 7.71 -20.63
CA PHE A 337 -13.42 6.63 -20.48
C PHE A 337 -14.11 5.28 -20.44
N SER A 338 -13.38 4.25 -20.85
CA SER A 338 -13.81 2.86 -20.67
C SER A 338 -12.61 1.95 -20.86
N LYS A 339 -12.57 0.87 -20.09
CA LYS A 339 -11.57 -0.16 -20.36
C LYS A 339 -11.80 -0.86 -21.70
N ASP A 340 -12.95 -0.64 -22.35
CA ASP A 340 -13.36 -1.39 -23.53
C ASP A 340 -13.30 -0.60 -24.83
N ASN A 341 -12.84 0.65 -24.80
CA ASN A 341 -12.43 1.40 -26.00
C ASN A 341 -11.19 2.21 -25.63
N ASN A 342 -10.67 2.98 -26.58
CA ASN A 342 -9.42 3.70 -26.35
C ASN A 342 -9.62 5.05 -25.67
N SER A 343 -10.86 5.40 -25.30
CA SER A 343 -11.16 6.50 -24.37
C SER A 343 -10.54 7.83 -24.79
N ILE A 344 -10.50 8.08 -26.09
CA ILE A 344 -10.09 9.39 -26.59
C ILE A 344 -11.12 10.40 -26.13
N ILE A 345 -10.73 11.34 -25.28
CA ILE A 345 -11.69 12.30 -24.76
C ILE A 345 -11.41 13.66 -25.36
N THR A 346 -12.48 14.44 -25.44
CA THR A 346 -12.44 15.82 -25.91
C THR A 346 -11.99 16.76 -24.79
N ARG A 347 -11.93 18.05 -25.12
CA ARG A 347 -11.59 19.05 -24.11
C ARG A 347 -12.72 19.21 -23.10
N LYS A 348 -13.97 19.26 -23.58
CA LYS A 348 -15.10 19.26 -22.67
C LYS A 348 -15.04 18.05 -21.73
N GLU A 349 -14.67 16.88 -22.25
CA GLU A 349 -14.64 15.68 -21.42
C GLU A 349 -13.53 15.75 -20.38
N PHE A 350 -12.38 16.31 -20.76
CA PHE A 350 -11.28 16.44 -19.82
C PHE A 350 -11.68 17.33 -18.65
N GLN A 351 -12.19 18.53 -18.94
CA GLN A 351 -12.67 19.42 -17.90
C GLN A 351 -13.71 18.74 -17.04
N GLU A 352 -14.66 18.06 -17.68
CA GLU A 352 -15.67 17.31 -16.96
C GLU A 352 -15.04 16.32 -15.99
N GLY A 353 -13.81 15.88 -16.27
CA GLY A 353 -13.14 14.89 -15.47
C GLY A 353 -12.38 15.47 -14.29
N LEU A 354 -12.04 16.75 -14.36
CA LEU A 354 -11.41 17.40 -13.21
C LEU A 354 -12.42 17.65 -12.10
N LYS A 355 -13.65 18.03 -12.48
CA LYS A 355 -14.75 18.09 -11.51
C LYS A 355 -14.93 16.76 -10.77
N ILE A 356 -14.69 15.64 -11.46
CA ILE A 356 -14.77 14.31 -10.86
C ILE A 356 -13.67 14.10 -9.83
N PHE A 357 -12.43 14.43 -10.19
CA PHE A 357 -11.30 14.10 -9.36
C PHE A 357 -10.94 15.20 -8.36
N PHE A 358 -11.35 16.43 -8.61
CA PHE A 358 -11.09 17.55 -7.72
C PHE A 358 -12.42 18.22 -7.36
N PRO A 359 -13.30 17.47 -6.69
CA PRO A 359 -14.70 17.86 -6.62
C PRO A 359 -14.90 19.15 -5.86
N GLY A 360 -14.39 19.21 -4.64
CA GLY A 360 -14.53 20.40 -3.83
C GLY A 360 -13.43 21.41 -4.06
N VAL A 361 -12.92 21.50 -5.30
CA VAL A 361 -11.90 22.47 -5.66
C VAL A 361 -12.55 23.65 -6.39
N SER A 362 -11.99 24.84 -6.20
CA SER A 362 -12.56 26.06 -6.77
C SER A 362 -12.56 25.99 -8.28
N GLU A 363 -13.35 26.85 -8.92
CA GLU A 363 -13.24 26.95 -10.37
C GLU A 363 -11.78 27.23 -10.75
N PHE A 364 -11.19 28.29 -10.20
CA PHE A 364 -9.80 28.66 -10.56
C PHE A 364 -8.80 27.53 -10.35
N GLY A 365 -9.02 26.65 -9.37
CA GLY A 365 -8.08 25.57 -9.14
C GLY A 365 -8.14 24.51 -10.22
N LYS A 366 -9.37 24.13 -10.61
CA LYS A 366 -9.57 23.30 -11.79
C LYS A 366 -8.99 23.96 -13.05
N GLU A 367 -9.03 25.29 -13.12
CA GLU A 367 -8.54 25.98 -14.31
C GLU A 367 -7.03 25.92 -14.38
N SER A 368 -6.37 25.85 -13.24
CA SER A 368 -4.91 25.86 -13.24
C SER A 368 -4.35 24.47 -13.55
N ILE A 369 -5.08 23.40 -13.21
CA ILE A 369 -4.68 22.06 -13.66
C ILE A 369 -4.77 21.99 -15.18
N LEU A 370 -5.91 22.40 -15.74
CA LEU A 370 -6.03 22.44 -17.18
C LEU A 370 -4.88 23.22 -17.79
N PHE A 371 -4.48 24.32 -17.16
CA PHE A 371 -3.44 25.16 -17.74
C PHE A 371 -2.11 24.43 -17.79
N HIS A 372 -1.66 23.87 -16.67
CA HIS A 372 -0.38 23.22 -16.54
CA HIS A 372 -0.34 23.28 -16.63
C HIS A 372 -0.28 21.89 -17.29
N TYR A 373 -1.35 21.42 -17.91
CA TYR A 373 -1.32 20.12 -18.56
C TYR A 373 -1.85 20.11 -19.99
N THR A 374 -2.17 21.27 -20.58
CA THR A 374 -2.73 21.33 -21.93
C THR A 374 -1.95 22.29 -22.82
N ASP A 375 -0.65 22.47 -22.57
CA ASP A 375 0.21 23.11 -23.56
C ASP A 375 0.92 22.00 -24.33
N TRP A 376 0.19 21.44 -25.28
CA TRP A 376 0.71 20.33 -26.07
C TRP A 376 1.82 20.79 -26.99
N VAL A 377 2.76 19.87 -27.27
CA VAL A 377 3.70 20.11 -28.35
C VAL A 377 3.00 19.96 -29.71
N ASP A 378 2.02 19.07 -29.81
CA ASP A 378 1.21 18.84 -31.01
C ASP A 378 -0.26 18.85 -30.60
N ASP A 379 -1.02 19.84 -31.07
CA ASP A 379 -2.42 19.97 -30.69
C ASP A 379 -3.36 19.09 -31.50
N GLN A 380 -2.83 18.30 -32.45
CA GLN A 380 -3.66 17.44 -33.28
C GLN A 380 -3.87 16.06 -32.67
N ARG A 381 -2.89 15.56 -31.88
CA ARG A 381 -2.94 14.29 -31.17
C ARG A 381 -4.26 14.15 -30.42
N PRO A 382 -5.11 13.19 -30.80
CA PRO A 382 -6.43 13.07 -30.15
C PRO A 382 -6.39 12.39 -28.79
N GLU A 383 -5.28 11.76 -28.43
CA GLU A 383 -5.16 11.17 -27.11
C GLU A 383 -4.78 12.19 -26.05
N ASN A 384 -4.65 13.45 -26.45
CA ASN A 384 -4.08 14.49 -25.59
C ASN A 384 -4.80 14.56 -24.26
N TYR A 385 -6.11 14.80 -24.29
CA TYR A 385 -6.86 14.95 -23.05
C TYR A 385 -6.95 13.63 -22.29
N ARG A 386 -7.01 12.51 -23.00
CA ARG A 386 -7.05 11.22 -22.32
C ARG A 386 -5.76 10.96 -21.54
N GLU A 387 -4.62 11.26 -22.17
CA GLU A 387 -3.34 11.07 -21.48
C GLU A 387 -3.13 12.13 -20.42
N ALA A 388 -3.60 13.34 -20.69
CA ALA A 388 -3.51 14.43 -19.74
C ALA A 388 -4.22 14.08 -18.45
N LEU A 389 -5.47 13.63 -18.53
CA LEU A 389 -6.21 13.35 -17.30
C LEU A 389 -5.54 12.24 -16.50
N GLY A 390 -5.05 11.20 -17.19
CA GLY A 390 -4.28 10.17 -16.50
C GLY A 390 -3.11 10.73 -15.72
N ASP A 391 -2.26 11.54 -16.38
CA ASP A 391 -1.09 12.08 -15.70
C ASP A 391 -1.47 12.96 -14.52
N VAL A 392 -2.43 13.88 -14.71
CA VAL A 392 -2.96 14.71 -13.63
C VAL A 392 -3.27 13.86 -12.39
N VAL A 393 -4.03 12.77 -12.56
CA VAL A 393 -4.38 11.91 -11.43
C VAL A 393 -3.14 11.23 -10.86
N GLY A 394 -2.26 10.73 -11.73
CA GLY A 394 -1.10 10.01 -11.27
C GLY A 394 -0.07 10.92 -10.66
N ASP A 395 0.08 12.12 -11.22
CA ASP A 395 1.07 13.04 -10.68
C ASP A 395 0.61 13.63 -9.36
N TYR A 396 -0.67 13.90 -9.23
CA TYR A 396 -1.16 14.51 -8.02
C TYR A 396 -1.28 13.49 -6.88
N ASN A 397 -1.69 12.27 -7.18
CA ASN A 397 -1.96 11.31 -6.11
C ASN A 397 -0.79 10.43 -5.75
N PHE A 398 0.21 10.32 -6.61
CA PHE A 398 1.20 9.30 -6.38
C PHE A 398 2.61 9.81 -6.65
N ILE A 399 2.90 10.27 -7.87
CA ILE A 399 4.29 10.49 -8.25
C ILE A 399 4.88 11.68 -7.48
N CYS A 400 4.23 12.85 -7.53
CA CYS A 400 4.80 14.00 -6.83
C CYS A 400 4.88 13.87 -5.31
N PRO A 401 3.88 13.29 -4.61
CA PRO A 401 4.06 13.06 -3.18
C PRO A 401 5.19 12.09 -2.86
N ALA A 402 5.42 11.09 -3.70
CA ALA A 402 6.47 10.12 -3.43
C ALA A 402 7.84 10.75 -3.62
N LEU A 403 7.99 11.56 -4.66
CA LEU A 403 9.25 12.30 -4.83
C LEU A 403 9.45 13.29 -3.70
N GLU A 404 8.38 13.98 -3.28
CA GLU A 404 8.56 14.94 -2.21
CA GLU A 404 8.50 14.94 -2.19
C GLU A 404 8.89 14.24 -0.90
N PHE A 405 8.37 13.03 -0.69
CA PHE A 405 8.76 12.26 0.48
C PHE A 405 10.23 11.91 0.44
N THR A 406 10.74 11.49 -0.73
CA THR A 406 12.13 11.08 -0.81
C THR A 406 13.08 12.27 -0.64
N LYS A 407 12.74 13.44 -1.21
CA LYS A 407 13.56 14.63 -1.01
C LYS A 407 13.66 14.98 0.46
N LYS A 408 12.53 15.10 1.15
CA LYS A 408 12.60 15.57 2.52
C LYS A 408 13.27 14.53 3.41
N PHE A 409 13.00 13.25 3.18
CA PHE A 409 13.61 12.22 4.02
C PHE A 409 15.12 12.16 3.79
N SER A 410 15.53 12.22 2.53
CA SER A 410 16.95 12.15 2.23
C SER A 410 17.70 13.34 2.79
N GLU A 411 17.01 14.45 3.05
CA GLU A 411 17.66 15.65 3.52
C GLU A 411 18.27 15.49 4.90
N TRP A 412 17.86 14.46 5.65
CA TRP A 412 18.40 14.23 6.98
C TRP A 412 19.50 13.18 7.00
N GLY A 413 20.14 12.93 5.85
CA GLY A 413 21.37 12.18 5.82
C GLY A 413 21.27 10.69 5.57
N ASN A 414 20.14 10.19 5.10
CA ASN A 414 19.93 8.77 4.95
C ASN A 414 19.94 8.40 3.48
N ASN A 415 20.55 7.27 3.17
CA ASN A 415 20.44 6.74 1.81
C ASN A 415 18.98 6.53 1.41
N ALA A 416 18.66 7.01 0.22
CA ALA A 416 17.34 6.88 -0.36
C ALA A 416 17.54 6.41 -1.79
N PHE A 417 16.66 5.52 -2.25
CA PHE A 417 16.74 4.97 -3.60
C PHE A 417 15.38 5.10 -4.26
N PHE A 418 15.34 5.79 -5.39
CA PHE A 418 14.11 6.01 -6.13
C PHE A 418 14.20 5.25 -7.46
N TYR A 419 13.12 4.54 -7.78
CA TYR A 419 12.95 3.86 -9.06
C TYR A 419 11.74 4.40 -9.80
N TYR A 420 11.70 4.11 -11.09
CA TYR A 420 10.59 4.47 -11.98
C TYR A 420 10.24 3.25 -12.82
N PHE A 421 9.18 2.53 -12.44
CA PHE A 421 8.79 1.28 -13.08
C PHE A 421 8.00 1.57 -14.36
N GLU A 422 8.57 1.21 -15.50
CA GLU A 422 7.92 1.57 -16.75
C GLU A 422 7.72 0.38 -17.65
N HIS A 423 7.46 -0.80 -17.10
CA HIS A 423 7.20 -1.96 -17.95
C HIS A 423 5.75 -2.41 -17.80
N ARG A 424 5.09 -2.67 -18.94
CA ARG A 424 3.72 -3.18 -18.96
C ARG A 424 3.71 -4.71 -19.02
N SER A 425 3.18 -5.35 -17.97
CA SER A 425 3.04 -6.81 -17.93
C SER A 425 2.43 -7.31 -19.23
N SER A 426 3.06 -8.34 -19.81
CA SER A 426 2.52 -8.93 -21.03
C SER A 426 1.20 -9.62 -20.77
N LYS A 427 0.97 -10.05 -19.53
CA LYS A 427 -0.28 -10.65 -19.10
C LYS A 427 -1.30 -9.62 -18.62
N LEU A 428 -0.93 -8.35 -18.56
CA LEU A 428 -1.80 -7.35 -17.94
C LEU A 428 -3.17 -7.30 -18.63
N PRO A 429 -4.27 -7.55 -17.89
CA PRO A 429 -5.60 -7.69 -18.51
C PRO A 429 -6.35 -6.40 -18.86
N TRP A 430 -5.89 -5.21 -18.45
CA TRP A 430 -6.52 -3.95 -18.83
C TRP A 430 -6.03 -3.50 -20.20
N PRO A 431 -6.73 -2.56 -20.85
CA PRO A 431 -6.35 -2.18 -22.21
C PRO A 431 -5.03 -1.44 -22.25
N GLU A 432 -4.50 -1.28 -23.47
CA GLU A 432 -3.17 -0.71 -23.67
C GLU A 432 -3.12 0.78 -23.34
N TRP A 433 -4.20 1.54 -23.52
CA TRP A 433 -4.11 2.97 -23.25
C TRP A 433 -3.88 3.26 -21.77
N MET A 434 -4.01 2.28 -20.88
CA MET A 434 -3.84 2.51 -19.45
C MET A 434 -2.41 2.31 -18.99
N GLY A 435 -1.54 1.74 -19.84
CA GLY A 435 -0.09 1.82 -19.59
C GLY A 435 0.38 0.89 -18.50
N VAL A 436 1.39 1.32 -17.73
CA VAL A 436 1.96 0.50 -16.67
C VAL A 436 1.35 1.02 -15.37
N MET A 437 0.26 0.38 -14.99
CA MET A 437 -0.74 0.90 -14.08
C MET A 437 -0.31 0.77 -12.63
N HIS A 438 -1.02 1.51 -11.79
CA HIS A 438 -0.96 1.34 -10.34
C HIS A 438 -1.09 -0.14 -9.96
N GLY A 439 -0.12 -0.65 -9.20
CA GLY A 439 -0.21 -1.98 -8.65
C GLY A 439 0.33 -3.14 -9.49
N TYR A 440 0.84 -2.89 -10.70
CA TYR A 440 1.29 -3.97 -11.58
C TYR A 440 2.81 -4.05 -11.66
N GLU A 441 3.48 -3.56 -10.62
CA GLU A 441 4.85 -3.94 -10.31
C GLU A 441 4.90 -5.06 -9.29
N ILE A 442 3.85 -5.20 -8.50
CA ILE A 442 3.83 -6.14 -7.38
C ILE A 442 4.15 -7.56 -7.85
N GLU A 443 3.59 -7.98 -9.00
CA GLU A 443 3.88 -9.34 -9.50
C GLU A 443 5.37 -9.49 -9.81
N PHE A 444 6.01 -8.43 -10.28
CA PHE A 444 7.44 -8.50 -10.55
C PHE A 444 8.24 -8.47 -9.26
N VAL A 445 7.79 -7.69 -8.29
CA VAL A 445 8.49 -7.64 -6.99
C VAL A 445 8.46 -9.00 -6.33
N PHE A 446 7.33 -9.71 -6.43
CA PHE A 446 7.12 -10.99 -5.77
C PHE A 446 7.60 -12.16 -6.61
N GLY A 447 8.10 -11.91 -7.82
CA GLY A 447 8.77 -12.94 -8.54
C GLY A 447 7.84 -13.89 -9.22
N LEU A 448 6.68 -13.43 -9.62
CA LEU A 448 5.71 -14.26 -10.32
C LEU A 448 6.23 -14.56 -11.73
N PRO A 449 6.80 -13.59 -12.45
CA PRO A 449 7.40 -13.91 -13.76
C PRO A 449 8.51 -14.94 -13.69
N LEU A 450 8.94 -15.34 -12.49
CA LEU A 450 9.95 -16.38 -12.39
C LEU A 450 9.36 -17.76 -12.68
N GLU A 451 8.05 -17.89 -12.71
CA GLU A 451 7.38 -19.14 -13.08
C GLU A 451 7.24 -19.21 -14.61
N ARG A 452 8.00 -20.10 -15.24
CA ARG A 452 7.97 -20.22 -16.69
C ARG A 452 6.61 -20.68 -17.20
N ARG A 453 5.82 -21.33 -16.34
CA ARG A 453 4.51 -21.83 -16.69
C ARG A 453 3.46 -20.73 -16.82
N ASP A 454 3.68 -19.58 -16.20
CA ASP A 454 2.63 -18.58 -16.07
C ASP A 454 2.48 -17.70 -17.31
N GLN A 455 3.08 -18.09 -18.45
CA GLN A 455 2.91 -17.40 -19.74
C GLN A 455 3.50 -15.99 -19.76
N TYR A 456 4.41 -15.65 -18.85
CA TYR A 456 5.18 -14.43 -18.98
C TYR A 456 6.29 -14.62 -20.01
N THR A 457 6.86 -13.52 -20.49
CA THR A 457 7.96 -13.62 -21.45
C THR A 457 9.31 -13.70 -20.74
N LYS A 458 10.35 -14.06 -21.50
CA LYS A 458 11.68 -14.26 -20.92
C LYS A 458 12.27 -12.95 -20.40
N ALA A 459 12.09 -11.86 -21.15
CA ALA A 459 12.59 -10.58 -20.68
C ALA A 459 11.94 -10.18 -19.36
N GLU A 460 10.71 -10.67 -19.11
CA GLU A 460 10.03 -10.40 -17.85
C GLU A 460 10.58 -11.27 -16.71
N GLU A 461 10.90 -12.54 -16.97
CA GLU A 461 11.59 -13.35 -15.96
C GLU A 461 12.91 -12.70 -15.56
N ILE A 462 13.68 -12.19 -16.53
CA ILE A 462 14.94 -11.53 -16.19
C ILE A 462 14.71 -10.25 -15.39
N LEU A 463 13.70 -9.46 -15.75
CA LEU A 463 13.44 -8.22 -15.02
C LEU A 463 12.97 -8.52 -13.60
N SER A 464 12.05 -9.49 -13.45
CA SER A 464 11.69 -9.93 -12.11
C SER A 464 12.92 -10.42 -11.36
N ARG A 465 13.80 -11.15 -12.04
CA ARG A 465 15.01 -11.65 -11.40
C ARG A 465 15.88 -10.51 -10.87
N SER A 466 16.07 -9.45 -11.67
N SER A 466 16.06 -9.45 -11.66
CA SER A 466 16.86 -8.31 -11.23
CA SER A 466 16.88 -8.33 -11.19
C SER A 466 16.19 -7.58 -10.08
C SER A 466 16.19 -7.57 -10.05
N ILE A 467 14.88 -7.35 -10.16
CA ILE A 467 14.16 -6.63 -9.12
C ILE A 467 14.16 -7.43 -7.82
N VAL A 468 13.90 -8.74 -7.92
CA VAL A 468 13.88 -9.56 -6.71
C VAL A 468 15.22 -9.52 -6.00
N LYS A 469 16.32 -9.54 -6.77
CA LYS A 469 17.64 -9.43 -6.18
C LYS A 469 17.85 -8.05 -5.56
N ARG A 470 17.42 -6.99 -6.27
CA ARG A 470 17.63 -5.65 -5.76
C ARG A 470 16.88 -5.43 -4.45
N TRP A 471 15.65 -5.96 -4.35
CA TRP A 471 14.85 -5.77 -3.13
C TRP A 471 15.47 -6.51 -1.94
N ALA A 472 15.95 -7.74 -2.17
CA ALA A 472 16.50 -8.53 -1.09
C ALA A 472 17.82 -7.96 -0.61
N ASN A 473 18.67 -7.53 -1.56
CA ASN A 473 19.95 -6.90 -1.22
C ASN A 473 19.71 -5.64 -0.42
N PHE A 474 18.70 -4.85 -0.81
CA PHE A 474 18.32 -3.71 0.02
C PHE A 474 17.81 -4.17 1.38
N ALA A 475 17.02 -5.24 1.42
CA ALA A 475 16.57 -5.74 2.72
C ALA A 475 17.75 -6.29 3.52
N LYS A 476 18.59 -7.10 2.89
CA LYS A 476 19.72 -7.67 3.62
C LYS A 476 20.77 -6.63 3.94
N TYR A 477 21.07 -5.72 3.00
CA TYR A 477 22.25 -4.88 3.11
C TYR A 477 21.99 -3.39 2.91
N GLY A 478 20.74 -2.95 2.87
CA GLY A 478 20.48 -1.52 2.70
C GLY A 478 21.06 -0.94 1.43
N ASN A 479 21.13 -1.74 0.39
CA ASN A 479 21.81 -1.32 -0.83
C ASN A 479 21.27 -2.14 -2.00
N PRO A 480 20.32 -1.60 -2.76
CA PRO A 480 19.56 -2.37 -3.74
C PRO A 480 20.30 -2.58 -5.06
N GLN A 481 21.58 -2.90 -4.97
CA GLN A 481 22.39 -3.23 -6.13
C GLN A 481 22.13 -4.67 -6.57
N GLU A 482 22.40 -4.93 -7.86
CA GLU A 482 22.54 -6.28 -8.40
C GLU A 482 23.96 -6.35 -8.90
N THR A 483 24.83 -7.05 -8.16
CA THR A 483 26.26 -6.87 -8.33
C THR A 483 26.92 -7.90 -9.26
N GLN A 484 26.20 -8.93 -9.69
CA GLN A 484 26.79 -10.05 -10.41
C GLN A 484 26.56 -9.97 -11.91
N ASN A 485 25.31 -9.85 -12.34
CA ASN A 485 25.02 -9.90 -13.76
C ASN A 485 25.11 -8.52 -14.41
N GLN A 486 26.24 -7.84 -14.17
CA GLN A 486 26.67 -6.63 -14.90
C GLN A 486 25.63 -5.52 -14.89
N SER A 487 24.76 -5.51 -13.88
CA SER A 487 23.62 -4.60 -13.85
C SER A 487 24.09 -3.15 -13.81
N THR A 488 23.15 -2.24 -14.08
CA THR A 488 23.37 -0.83 -13.86
C THR A 488 23.34 -0.54 -12.36
N SER A 489 24.28 0.30 -11.91
CA SER A 489 24.33 0.64 -10.49
C SER A 489 23.25 1.65 -10.15
N TRP A 490 22.54 1.38 -9.06
CA TRP A 490 21.45 2.23 -8.63
C TRP A 490 22.03 3.31 -7.71
N PRO A 491 22.03 4.59 -8.14
CA PRO A 491 22.63 5.65 -7.30
C PRO A 491 21.69 6.10 -6.19
N VAL A 492 22.26 6.69 -5.13
CA VAL A 492 21.40 7.17 -4.06
C VAL A 492 20.71 8.46 -4.50
N PHE A 493 19.46 8.61 -4.09
CA PHE A 493 18.69 9.82 -4.38
C PHE A 493 19.15 10.90 -3.40
N LYS A 494 19.95 11.84 -3.90
CA LYS A 494 20.34 13.02 -3.15
C LYS A 494 19.44 14.16 -3.57
N SER A 495 19.08 15.03 -2.62
CA SER A 495 18.07 16.03 -2.93
C SER A 495 18.58 17.11 -3.88
N THR A 496 19.89 17.25 -4.05
CA THR A 496 20.39 18.13 -5.11
C THR A 496 20.12 17.55 -6.49
N GLU A 497 20.71 16.39 -6.78
CA GLU A 497 20.73 15.84 -8.13
C GLU A 497 19.52 15.00 -8.45
N GLN A 498 18.88 14.44 -7.43
CA GLN A 498 17.65 13.67 -7.57
C GLN A 498 17.74 12.65 -8.71
N LYS A 499 18.58 11.64 -8.51
CA LYS A 499 18.78 10.59 -9.49
C LYS A 499 17.86 9.43 -9.18
N TYR A 500 17.35 8.79 -10.24
CA TYR A 500 16.50 7.62 -10.10
C TYR A 500 16.88 6.57 -11.12
N LEU A 501 16.50 5.34 -10.83
CA LEU A 501 16.74 4.20 -11.71
C LEU A 501 15.43 3.80 -12.38
N THR A 502 15.45 3.68 -13.71
CA THR A 502 14.30 3.14 -14.43
C THR A 502 14.39 1.62 -14.47
N LEU A 503 13.24 0.96 -14.37
CA LEU A 503 13.18 -0.50 -14.36
C LEU A 503 12.35 -0.93 -15.55
N ASN A 504 13.00 -1.50 -16.55
CA ASN A 504 12.32 -1.95 -17.75
C ASN A 504 13.01 -3.22 -18.24
N THR A 505 12.41 -3.85 -19.24
CA THR A 505 12.93 -5.10 -19.79
C THR A 505 14.01 -4.88 -20.82
N GLU A 506 14.53 -3.69 -20.95
CA GLU A 506 15.49 -3.45 -22.01
C GLU A 506 16.72 -2.79 -21.43
N SER A 507 16.72 -1.46 -21.44
CA SER A 507 17.85 -0.65 -20.97
C SER A 507 17.47 -0.03 -19.63
N THR A 508 18.06 -0.53 -18.56
CA THR A 508 17.86 0.08 -17.25
C THR A 508 18.78 1.29 -17.12
N ARG A 509 18.20 2.48 -16.90
CA ARG A 509 18.94 3.72 -17.06
C ARG A 509 18.86 4.61 -15.83
N ILE A 510 19.82 5.53 -15.76
CA ILE A 510 19.92 6.49 -14.67
C ILE A 510 19.54 7.85 -15.23
N MET A 511 18.52 8.45 -14.61
CA MET A 511 17.88 9.68 -15.04
C MET A 511 17.75 10.63 -13.85
N THR A 512 17.46 11.88 -14.15
CA THR A 512 17.40 12.90 -13.11
C THR A 512 16.07 13.63 -13.07
N LYS A 513 15.61 13.87 -11.84
CA LYS A 513 14.57 14.86 -11.54
C LYS A 513 13.25 14.52 -12.21
N LEU A 514 12.72 13.35 -11.83
CA LEU A 514 11.44 12.87 -12.36
C LEU A 514 10.34 13.93 -12.28
N ARG A 515 9.54 13.99 -13.35
CA ARG A 515 8.33 14.82 -13.48
C ARG A 515 8.50 16.20 -12.80
N ALA A 516 9.63 16.84 -13.12
CA ALA A 516 10.05 18.02 -12.38
C ALA A 516 9.08 19.19 -12.55
N GLN A 517 8.75 19.52 -13.80
CA GLN A 517 7.85 20.65 -14.05
C GLN A 517 6.47 20.39 -13.43
N GLN A 518 5.96 19.17 -13.62
CA GLN A 518 4.67 18.79 -13.07
C GLN A 518 4.66 18.91 -11.55
N CYS A 519 5.69 18.37 -10.89
CA CYS A 519 5.67 18.32 -9.43
C CYS A 519 5.88 19.68 -8.79
N ARG A 520 6.50 20.65 -9.49
CA ARG A 520 6.52 21.98 -8.93
C ARG A 520 5.10 22.54 -8.82
N PHE A 521 4.30 22.37 -9.88
CA PHE A 521 2.89 22.72 -9.81
C PHE A 521 2.20 22.07 -8.61
N TRP A 522 2.32 20.74 -8.45
CA TRP A 522 1.52 20.04 -7.45
C TRP A 522 2.04 20.28 -6.03
N THR A 523 3.36 20.39 -5.87
CA THR A 523 3.94 20.45 -4.54
C THR A 523 4.07 21.87 -4.02
N SER A 524 4.23 22.85 -4.91
CA SER A 524 4.42 24.24 -4.50
C SER A 524 3.20 25.12 -4.80
N PHE A 525 2.80 25.28 -6.07
CA PHE A 525 1.61 26.08 -6.42
C PHE A 525 0.31 25.48 -5.89
N PHE A 526 -0.13 24.34 -6.46
CA PHE A 526 -1.49 23.85 -6.25
C PHE A 526 -1.95 23.76 -4.79
N PRO A 527 -1.09 23.44 -3.80
CA PRO A 527 -1.56 23.49 -2.40
C PRO A 527 -2.02 24.87 -1.92
N LYS A 528 -1.72 25.95 -2.65
CA LYS A 528 -2.22 27.25 -2.21
C LYS A 528 -3.72 27.39 -2.46
N VAL A 529 -4.24 26.76 -3.51
CA VAL A 529 -5.66 26.91 -3.85
C VAL A 529 -6.56 26.21 -2.83
C1 NAG B . -4.41 -30.27 12.33
C2 NAG B . -5.81 -30.86 12.56
C3 NAG B . -5.70 -32.27 13.17
C4 NAG B . -4.98 -33.21 12.18
C5 NAG B . -3.61 -32.54 11.90
C6 NAG B . -2.73 -33.29 10.89
C7 NAG B . -7.57 -29.16 12.83
C8 NAG B . -7.83 -29.22 11.34
N2 NAG B . -6.61 -29.96 13.34
O3 NAG B . -7.01 -32.68 13.48
O4 NAG B . -4.90 -34.57 12.68
O5 NAG B . -3.74 -31.18 11.47
O6 NAG B . -3.35 -33.38 9.63
O7 NAG B . -8.22 -28.42 13.54
C1 NAG B . -5.86 -35.54 12.15
C2 NAG B . -5.22 -36.97 12.06
C3 NAG B . -6.24 -38.13 11.96
C4 NAG B . -7.46 -37.99 12.88
C5 NAG B . -8.00 -36.59 12.54
C6 NAG B . -9.38 -36.25 13.09
C7 NAG B . -4.34 -37.13 9.65
C8 NAG B . -3.05 -37.31 8.89
N2 NAG B . -4.20 -37.11 11.01
O3 NAG B . -5.53 -39.33 12.16
O4 NAG B . -8.40 -39.04 12.65
O5 NAG B . -7.03 -35.63 12.94
O6 NAG B . -9.58 -36.82 14.35
O7 NAG B . -5.39 -36.99 9.05
C1 BMA B . -8.34 -40.15 13.59
C2 BMA B . -9.77 -40.67 13.88
C3 BMA B . -9.77 -41.96 14.74
C4 BMA B . -8.66 -42.97 14.43
C5 BMA B . -7.65 -42.57 13.34
C6 BMA B . -7.82 -43.30 12.01
O2 BMA B . -10.49 -40.85 12.69
O3 BMA B . -11.07 -42.51 14.63
O4 BMA B . -7.97 -43.19 15.65
O5 BMA B . -7.51 -41.18 13.07
O6 BMA B . -6.60 -43.17 11.31
C1 FUC B . -2.61 -32.58 8.66
C2 FUC B . -2.46 -33.45 7.40
C3 FUC B . -3.85 -33.69 6.81
C4 FUC B . -4.57 -32.37 6.49
C5 FUC B . -4.57 -31.46 7.73
C6 FUC B . -5.09 -30.03 7.49
O2 FUC B . -1.78 -34.63 7.74
O3 FUC B . -3.68 -34.56 5.70
O4 FUC B . -3.98 -31.77 5.35
O5 FUC B . -3.27 -31.37 8.32
C1 NAG C . 21.97 -13.03 14.41
C2 NAG C . 22.61 -13.65 15.69
C3 NAG C . 22.83 -12.59 16.81
C4 NAG C . 23.65 -11.41 16.30
C5 NAG C . 22.85 -10.86 15.10
C6 NAG C . 23.42 -9.62 14.46
C7 NAG C . 21.85 -15.98 15.60
C8 NAG C . 21.09 -17.07 16.31
N2 NAG C . 21.90 -14.80 16.22
O3 NAG C . 23.40 -13.18 17.94
O4 NAG C . 23.88 -10.47 17.36
O5 NAG C . 22.75 -11.88 14.11
O6 NAG C . 22.61 -9.15 13.38
O7 NAG C . 22.39 -16.17 14.53
C1 FUC C . 23.42 -8.28 12.54
C2 FUC C . 23.35 -8.71 11.06
C3 FUC C . 22.01 -8.39 10.37
C4 FUC C . 21.53 -6.93 10.60
C5 FUC C . 21.77 -6.49 12.07
C6 FUC C . 21.72 -4.98 12.24
O2 FUC C . 23.73 -10.08 10.98
O3 FUC C . 22.10 -8.73 9.01
O4 FUC C . 22.08 -6.05 9.64
O5 FUC C . 23.01 -6.90 12.62
C1 NAG D . -20.59 17.50 7.22
C2 NAG D . -20.48 18.17 5.83
C3 NAG D . -21.84 18.68 5.31
C4 NAG D . -23.00 17.68 5.42
C5 NAG D . -22.95 17.03 6.82
C6 NAG D . -23.94 15.88 6.87
C7 NAG D . -18.93 20.13 6.48
C8 NAG D . -18.50 21.42 5.79
N2 NAG D . -19.70 19.39 5.68
O3 NAG D . -21.63 19.12 3.99
O4 NAG D . -24.17 18.46 5.20
O5 NAG D . -21.66 16.56 7.18
O6 NAG D . -23.82 15.13 5.67
O7 NAG D . -18.56 19.87 7.59
C1 NAG D . -24.78 18.18 3.90
C2 NAG D . -26.32 18.44 3.88
C3 NAG D . -26.90 18.23 2.47
C4 NAG D . -26.15 19.08 1.44
C5 NAG D . -24.64 18.76 1.58
C6 NAG D . -23.71 19.56 0.67
C7 NAG D . -27.31 17.97 6.11
C8 NAG D . -28.07 16.92 6.89
N2 NAG D . -27.04 17.62 4.83
O3 NAG D . -28.28 18.48 2.46
O4 NAG D . -26.70 18.86 0.16
O5 NAG D . -24.19 19.00 2.90
O6 NAG D . -22.45 19.68 1.29
O7 NAG D . -26.96 19.03 6.61
C1 FUC D . -25.11 14.71 5.15
C2 FUC D . -24.95 14.29 3.68
C3 FUC D . -24.07 13.06 3.54
C4 FUC D . -24.56 11.91 4.44
C5 FUC D . -24.85 12.44 5.86
C6 FUC D . -25.49 11.42 6.78
O2 FUC D . -24.43 15.35 2.91
O3 FUC D . -24.04 12.74 2.17
O4 FUC D . -25.64 11.28 3.80
O5 FUC D . -25.65 13.62 5.86
C1 NAG E . -16.04 4.80 -25.12
C2 NAG E . -16.76 5.83 -26.01
C3 NAG E . -17.58 6.81 -25.16
C4 NAG E . -18.45 6.07 -24.15
C5 NAG E . -17.57 5.07 -23.39
C6 NAG E . -18.30 4.33 -22.30
C7 NAG E . -14.93 6.23 -27.72
C8 NAG E . -14.22 7.37 -28.44
N2 NAG E . -15.90 6.63 -26.85
O3 NAG E . -18.36 7.59 -26.03
O4 NAG E . -19.01 7.02 -23.26
O5 NAG E . -17.02 4.17 -24.33
O6 NAG E . -19.56 3.94 -22.77
O7 NAG E . -14.62 5.08 -27.94
C1 NAG E . -20.40 7.16 -23.57
C2 NAG E . -21.08 7.87 -22.39
C3 NAG E . -22.47 8.42 -22.70
C4 NAG E . -22.67 8.94 -24.13
C5 NAG E . -21.91 8.05 -25.15
C6 NAG E . -21.90 8.61 -26.55
C7 NAG E . -20.59 6.94 -20.14
C8 NAG E . -21.01 5.83 -19.21
N2 NAG E . -21.26 6.94 -21.31
O3 NAG E . -22.72 9.40 -21.72
O4 NAG E . -24.07 8.94 -24.40
O5 NAG E . -20.57 7.92 -24.74
O6 NAG E . -20.98 9.69 -26.62
O7 NAG E . -19.71 7.75 -19.86
C1 BMA E . -24.68 10.26 -24.28
C2 BMA E . -25.95 10.25 -25.15
C3 BMA E . -26.95 11.38 -24.77
C4 BMA E . -26.55 12.36 -23.63
C5 BMA E . -25.53 11.85 -22.60
C6 BMA E . -25.96 11.94 -21.12
O2 BMA E . -26.54 8.97 -25.13
O3 BMA E . -28.22 10.76 -24.62
O4 BMA E . -26.04 13.49 -24.30
O5 BMA E . -24.96 10.59 -22.93
O6 BMA E . -26.76 10.83 -20.75
C1 FUC E . -19.83 2.59 -22.31
C2 FUC E . -21.27 2.23 -22.74
C3 FUC E . -21.32 2.11 -24.27
C4 FUC E . -20.30 1.08 -24.80
C5 FUC E . -18.91 1.49 -24.29
C6 FUC E . -17.82 0.50 -24.64
O2 FUC E . -22.14 3.19 -22.20
O3 FUC E . -22.64 1.80 -24.63
O4 FUC E . -20.63 -0.22 -24.37
O5 FUC E . -18.93 1.64 -22.86
C1 NAG F . -21.38 7.64 28.53
C2 NAG F . -20.92 8.36 29.82
C3 NAG F . -19.85 7.50 30.46
C4 NAG F . -20.39 6.09 30.76
C5 NAG F . -20.96 5.47 29.48
C6 NAG F . -21.64 4.12 29.70
C7 NAG F . -21.16 10.83 29.53
C8 NAG F . -20.39 12.12 29.34
N2 NAG F . -20.43 9.71 29.62
O3 NAG F . -19.41 8.17 31.62
O4 NAG F . -19.32 5.33 31.30
O5 NAG F . -21.88 6.36 28.87
O6 NAG F . -22.50 4.15 30.81
O7 NAG F . -22.39 10.85 29.59
C1 NAG G . 22.36 -14.17 -13.58
C2 NAG G . 21.00 -14.42 -12.92
C3 NAG G . 20.78 -15.92 -12.66
C4 NAG G . 21.02 -16.75 -13.93
C5 NAG G . 22.37 -16.39 -14.54
C6 NAG G . 22.67 -17.11 -15.84
C7 NAG G . 20.31 -12.39 -11.67
C8 NAG G . 20.29 -11.74 -10.31
N2 NAG G . 20.88 -13.61 -11.72
O3 NAG G . 19.48 -16.09 -12.14
O4 NAG G . 20.93 -18.13 -13.61
O5 NAG G . 22.46 -14.98 -14.75
O6 NAG G . 21.58 -17.94 -16.19
O7 NAG G . 19.83 -11.80 -12.64
C1 GOL H . 1.41 -20.53 -0.80
O1 GOL H . 1.81 -19.19 -0.67
C2 GOL H . 0.17 -20.62 -1.67
O2 GOL H . 0.57 -21.28 -2.85
C3 GOL H . -0.94 -21.38 -0.95
O3 GOL H . -2.19 -20.81 -1.29
C1 GOL I . -3.80 0.94 25.55
O1 GOL I . -4.09 1.89 24.55
C2 GOL I . -2.45 0.26 25.29
O2 GOL I . -1.58 0.45 26.39
C3 GOL I . -2.69 -1.21 24.98
O3 GOL I . -4.04 -1.33 24.59
C01 A1IKD J . -3.58 -1.07 -3.91
C03 A1IKD J . -5.16 -2.77 -4.47
C04 A1IKD J . -3.73 -1.75 -6.24
C05 A1IKD J . -4.92 -2.27 -7.05
C07 A1IKD J . -6.58 -0.38 -6.64
C08 A1IKD J . -7.92 0.03 -6.96
C09 A1IKD J . -8.58 0.94 -6.13
C10 A1IKD J . -9.97 1.33 -6.47
C11 A1IKD J . -11.02 0.40 -6.39
C12 A1IKD J . -12.31 0.82 -6.69
C14 A1IKD J . -11.60 2.99 -7.10
C15 A1IKD J . -10.26 2.65 -6.81
C16 A1IKD J . -7.90 1.44 -4.95
C17 A1IKD J . -8.53 2.44 -4.01
C18 A1IKD J . -9.79 2.28 -3.48
C19 A1IKD J . -10.36 3.26 -2.62
C20 A1IKD J . -9.68 4.39 -2.27
C21 A1IKD J . -8.36 4.61 -2.80
C22 A1IKD J . -7.59 5.78 -2.47
C23 A1IKD J . -6.31 6.00 -2.96
C24 A1IKD J . -5.72 5.06 -3.82
C25 A1IKD J . -6.44 3.92 -4.16
C26 A1IKD J . -7.78 3.65 -3.65
N02 A1IKD J . -3.80 -2.24 -4.81
N06 A1IKD J . -5.87 -1.27 -7.46
N13 A1IKD J . -12.63 2.10 -7.04
N27 A1IKD J . -6.59 0.99 -4.72
N28 A1IKD J . -5.98 0.18 -5.47
S SO4 K . -10.45 11.64 0.72
O1 SO4 K . -10.15 12.77 1.65
O2 SO4 K . -11.93 11.33 0.79
O3 SO4 K . -10.11 11.96 -0.71
O4 SO4 K . -9.63 10.46 1.13
S SO4 L . -12.83 26.94 -22.11
O1 SO4 L . -14.25 26.98 -21.60
O2 SO4 L . -12.67 25.74 -23.00
O3 SO4 L . -12.50 28.19 -22.89
O4 SO4 L . -11.88 26.86 -20.95
S SO4 M . 20.34 -3.86 -16.54
O1 SO4 M . 19.83 -3.92 -15.11
O2 SO4 M . 21.59 -4.67 -16.68
O3 SO4 M . 19.28 -4.38 -17.49
O4 SO4 M . 20.75 -2.46 -16.91
S SO4 N . 6.86 9.88 -18.82
O1 SO4 N . 7.46 10.60 -17.63
O2 SO4 N . 7.34 8.44 -18.80
O3 SO4 N . 5.34 9.92 -18.81
O4 SO4 N . 7.35 10.53 -20.08
S SO4 O . 22.89 5.82 5.63
O1 SO4 O . 23.48 5.08 6.79
O2 SO4 O . 23.54 5.30 4.40
O3 SO4 O . 21.40 5.66 5.55
O4 SO4 O . 23.22 7.27 5.78
S SO4 P . 14.17 22.25 -7.84
O1 SO4 P . 14.06 21.19 -6.78
O2 SO4 P . 13.88 21.62 -9.17
O3 SO4 P . 13.21 23.37 -7.57
O4 SO4 P . 15.58 22.78 -7.87
#